data_6YQV
#
_entry.id   6YQV
#
_cell.length_a   70.556
_cell.length_b   71.427
_cell.length_c   72.541
_cell.angle_alpha   90.000
_cell.angle_beta   100.370
_cell.angle_gamma   90.000
#
_symmetry.space_group_name_H-M   'C 1 2 1'
#
loop_
_entity.id
_entity.type
_entity.pdbx_description
1 polymer Prothrombin
2 polymer Prothrombin
3 polymer 'Hirudin variant-2'
4 non-polymer 'SODIUM ION'
5 non-polymer 'DIMETHYL SULFOXIDE'
6 non-polymer 'PHOSPHATE ION'
7 non-polymer 2-acetamido-2-deoxy-beta-D-glucopyranose
8 non-polymer 5-chloranylthiophene-2-sulfonamide
9 non-polymer GLYCEROL
10 water water
#
loop_
_entity_poly.entity_id
_entity_poly.type
_entity_poly.pdbx_seq_one_letter_code
_entity_poly.pdbx_strand_id
1 'polypeptide(L)' TFGSGEADCGLRPLFEKKSLEDKTERELLESYIDGR L
2 'polypeptide(L)'
;IVEGSDAEIGMSPWQVMLFRKSPQELLCGASLISDRWVLTAAHCLLYPPWDKNFTENDLLVRIGKHSRTRYERNIEKISM
LEKIYIHPRYNWRENLDRDIALMKLKKPVAFSDYIHPVCLPDRETAASLLQAGYKGRVTGWGNLKETWTANVGKGQPSVL
QVVNLPIVERPVCKDSTRIRITDNMFCAGYKPDEGKRGDACEGDSGGPFVMKSPFNNRWYQMGIVSWGEGCDRDGKYGFY
THVFRLKKWIQKVIDQFGE
;
H
3 'polypeptide(L)' GDFEEIPEE(TYS)LQ I
#
loop_
_chem_comp.id
_chem_comp.type
_chem_comp.name
_chem_comp.formula
8K2 non-polymer 5-chloranylthiophene-2-sulfonamide 'C4 H4 Cl N O2 S2'
DMS non-polymer 'DIMETHYL SULFOXIDE' 'C2 H6 O S'
GOL non-polymer GLYCEROL 'C3 H8 O3'
NA non-polymer 'SODIUM ION' 'Na 1'
NAG D-saccharide, beta linking 2-acetamido-2-deoxy-beta-D-glucopyranose 'C8 H15 N O6'
PO4 non-polymer 'PHOSPHATE ION' 'O4 P -3'
#
# COMPACT_ATOMS: atom_id res chain seq x y z
N GLU A 6 0.33 -12.15 13.25
CA GLU A 6 0.71 -12.92 12.02
C GLU A 6 -0.18 -14.16 11.88
N ALA A 7 -0.37 -14.91 12.97
CA ALA A 7 -1.27 -16.06 12.93
C ALA A 7 -2.63 -15.68 12.33
N ASP A 8 -3.12 -14.50 12.66
CA ASP A 8 -4.43 -14.00 12.27
C ASP A 8 -4.36 -13.04 11.09
N CYS A 9 -3.21 -12.96 10.43
CA CYS A 9 -3.04 -11.93 9.42
C CYS A 9 -4.03 -12.11 8.29
N GLY A 10 -4.41 -10.98 7.68
CA GLY A 10 -5.17 -11.02 6.45
C GLY A 10 -6.61 -11.43 6.59
N LEU A 11 -7.14 -11.52 7.80
CA LEU A 11 -8.54 -11.84 8.05
C LEU A 11 -9.15 -10.62 8.72
N ARG A 12 -10.00 -9.90 7.98
CA ARG A 12 -10.49 -8.60 8.46
C ARG A 12 -11.60 -8.77 9.49
N PRO A 13 -11.52 -8.08 10.64
CA PRO A 13 -12.57 -8.17 11.65
C PRO A 13 -13.97 -7.95 11.11
N LEU A 14 -14.16 -6.98 10.22
CA LEU A 14 -15.50 -6.63 9.76
C LEU A 14 -15.92 -7.38 8.51
N PHE A 15 -15.08 -8.29 8.00
CA PHE A 15 -15.41 -9.05 6.80
C PHE A 15 -15.17 -10.53 7.04
N GLU A 16 -13.95 -11.02 6.79
CA GLU A 16 -13.74 -12.47 6.90
C GLU A 16 -14.09 -13.00 8.28
N LYS A 17 -13.80 -12.25 9.34
N LYS A 17 -13.73 -12.26 9.34
CA LYS A 17 -14.10 -12.77 10.68
CA LYS A 17 -13.96 -12.77 10.69
C LYS A 17 -15.59 -12.87 10.97
C LYS A 17 -15.43 -13.06 10.94
N LYS A 18 -16.43 -12.16 10.22
N LYS A 18 -16.33 -12.31 10.30
CA LYS A 18 -17.88 -12.25 10.35
CA LYS A 18 -17.77 -12.45 10.48
C LYS A 18 -18.51 -13.04 9.23
C LYS A 18 -18.47 -12.90 9.19
N SER A 19 -17.73 -13.50 8.27
CA SER A 19 -18.26 -14.07 7.03
C SER A 19 -19.12 -13.05 6.25
N LEU A 20 -18.64 -11.82 6.16
CA LEU A 20 -19.25 -10.81 5.32
C LEU A 20 -18.30 -10.50 4.18
N GLU A 21 -18.85 -10.27 3.00
N GLU A 21 -18.83 -10.35 2.97
CA GLU A 21 -18.10 -10.02 1.78
CA GLU A 21 -18.01 -10.02 1.81
C GLU A 21 -18.15 -8.52 1.46
C GLU A 21 -18.11 -8.52 1.53
N ASP A 22 -17.01 -7.95 1.09
CA ASP A 22 -17.01 -6.55 0.66
C ASP A 22 -17.56 -6.47 -0.76
N LYS A 23 -17.84 -5.24 -1.18
CA LYS A 23 -18.64 -5.04 -2.40
C LYS A 23 -17.90 -5.44 -3.69
N THR A 24 -16.57 -5.52 -3.69
CA THR A 24 -15.86 -5.83 -4.92
C THR A 24 -14.87 -6.98 -4.84
N GLU A 25 -14.77 -7.69 -3.71
CA GLU A 25 -13.78 -8.75 -3.65
C GLU A 25 -14.08 -9.87 -4.63
N ARG A 26 -15.34 -10.05 -5.01
CA ARG A 26 -15.68 -11.07 -5.98
C ARG A 26 -15.00 -10.82 -7.32
N GLU A 27 -14.80 -9.55 -7.68
CA GLU A 27 -14.09 -9.22 -8.91
C GLU A 27 -12.70 -9.84 -8.91
N LEU A 28 -12.02 -9.81 -7.76
CA LEU A 28 -10.72 -10.44 -7.67
C LEU A 28 -10.82 -11.94 -7.86
N LEU A 29 -11.72 -12.60 -7.13
CA LEU A 29 -11.87 -14.06 -7.23
C LEU A 29 -12.14 -14.46 -8.66
N GLU A 30 -13.01 -13.72 -9.35
CA GLU A 30 -13.37 -14.09 -10.72
C GLU A 30 -12.19 -13.98 -11.68
N SER A 31 -11.19 -13.19 -11.35
CA SER A 31 -10.00 -13.07 -12.19
C SER A 31 -9.01 -14.20 -11.97
N TYR A 32 -9.17 -15.01 -10.92
CA TYR A 32 -8.19 -16.05 -10.57
C TYR A 32 -8.60 -17.34 -11.27
N ILE A 33 -8.36 -17.35 -12.58
CA ILE A 33 -8.80 -18.42 -13.46
C ILE A 33 -7.71 -19.47 -13.58
N ILE B 1 -5.91 7.82 -5.73
CA ILE B 1 -6.46 6.75 -6.57
C ILE B 1 -7.36 7.37 -7.63
N VAL B 2 -7.13 7.02 -8.90
CA VAL B 2 -7.93 7.50 -10.02
C VAL B 2 -8.96 6.44 -10.39
N GLU B 3 -10.22 6.85 -10.54
CA GLU B 3 -11.29 5.98 -11.00
C GLU B 3 -11.56 4.84 -10.03
N GLY B 4 -11.34 5.08 -8.74
CA GLY B 4 -11.72 4.16 -7.70
C GLY B 4 -13.04 4.53 -7.06
N SER B 5 -13.28 3.96 -5.89
CA SER B 5 -14.49 4.24 -5.14
C SER B 5 -14.14 4.35 -3.66
N ASP B 6 -15.09 4.86 -2.88
CA ASP B 6 -14.87 4.98 -1.45
C ASP B 6 -14.75 3.59 -0.85
N ALA B 7 -13.76 3.41 0.01
CA ALA B 7 -13.62 2.17 0.76
C ALA B 7 -14.80 2.01 1.71
N GLU B 8 -15.16 0.75 1.97
CA GLU B 8 -16.05 0.42 3.08
C GLU B 8 -15.29 0.54 4.40
N ILE B 9 -16.04 0.78 5.47
CA ILE B 9 -15.43 0.80 6.79
C ILE B 9 -14.77 -0.54 7.07
N GLY B 10 -13.52 -0.51 7.51
CA GLY B 10 -12.80 -1.72 7.85
C GLY B 10 -12.38 -2.56 6.67
N MET B 11 -12.48 -2.02 5.45
CA MET B 11 -12.17 -2.80 4.25
C MET B 11 -10.68 -3.05 4.10
N SER B 12 -9.84 -2.17 4.63
N SER B 12 -9.83 -2.14 4.55
CA SER B 12 -8.39 -2.24 4.47
CA SER B 12 -8.38 -2.26 4.46
C SER B 12 -7.75 -1.90 5.80
C SER B 12 -7.79 -1.88 5.82
N PRO B 13 -7.93 -2.76 6.82
CA PRO B 13 -7.53 -2.37 8.19
C PRO B 13 -6.04 -2.36 8.40
N TRP B 14 -5.27 -2.83 7.41
CA TRP B 14 -3.82 -2.71 7.38
C TRP B 14 -3.34 -1.40 6.77
N GLN B 15 -4.23 -0.56 6.26
N GLN B 15 -4.25 -0.57 6.28
CA GLN B 15 -3.78 0.65 5.59
CA GLN B 15 -3.85 0.70 5.69
C GLN B 15 -3.24 1.66 6.61
C GLN B 15 -3.15 1.56 6.72
N VAL B 16 -2.08 2.22 6.30
CA VAL B 16 -1.39 3.17 7.15
C VAL B 16 -1.16 4.46 6.37
N MET B 17 -1.32 5.59 7.04
CA MET B 17 -0.97 6.90 6.49
C MET B 17 0.36 7.34 7.10
N LEU B 18 1.33 7.64 6.24
CA LEU B 18 2.57 8.27 6.64
C LEU B 18 2.33 9.78 6.66
N PHE B 19 2.53 10.40 7.80
CA PHE B 19 2.11 11.76 8.08
C PHE B 19 3.30 12.61 8.51
N ARG B 20 3.52 13.72 7.82
CA ARG B 20 4.58 14.64 8.20
C ARG B 20 4.12 15.48 9.39
N LYS B 21 5.02 15.63 10.37
CA LYS B 21 4.65 16.37 11.58
C LYS B 21 4.50 17.86 11.31
N SER B 22 5.42 18.44 10.54
CA SER B 22 5.42 19.89 10.35
C SER B 22 6.03 20.21 8.99
N PRO B 23 5.26 20.76 8.04
CA PRO B 23 3.81 21.00 8.13
C PRO B 23 3.04 19.68 8.16
N GLN B 24 1.89 19.70 8.80
CA GLN B 24 1.08 18.48 8.91
C GLN B 24 0.49 18.17 7.54
N GLU B 25 0.90 17.05 6.95
CA GLU B 25 0.43 16.69 5.62
C GLU B 25 0.63 15.20 5.36
N LEU B 26 -0.16 14.69 4.39
CA LEU B 26 0.00 13.31 3.94
C LEU B 26 1.29 13.20 3.13
N LEU B 27 2.12 12.22 3.48
CA LEU B 27 3.33 11.94 2.72
C LEU B 27 3.21 10.75 1.79
N CYS B 28 2.54 9.69 2.24
CA CYS B 28 2.56 8.42 1.52
C CYS B 28 1.60 7.48 2.21
N GLY B 29 1.29 6.38 1.53
CA GLY B 29 0.69 5.23 2.17
C GLY B 29 1.74 4.27 2.72
N ALA B 30 1.26 3.25 3.41
CA ALA B 30 2.06 2.25 4.09
C ALA B 30 1.08 1.15 4.52
N SER B 31 1.62 0.08 5.09
CA SER B 31 0.77 -1.02 5.54
C SER B 31 1.28 -1.60 6.85
N LEU B 32 0.34 -2.14 7.62
CA LEU B 32 0.64 -2.77 8.90
C LEU B 32 0.85 -4.27 8.68
N ILE B 33 2.04 -4.76 9.06
CA ILE B 33 2.38 -6.17 8.91
C ILE B 33 2.51 -6.91 10.23
N SER B 34 2.53 -6.21 11.35
CA SER B 34 2.48 -6.80 12.69
C SER B 34 2.16 -5.66 13.65
N ASP B 35 2.13 -5.96 14.95
CA ASP B 35 1.80 -4.90 15.90
C ASP B 35 2.90 -3.85 16.04
N ARG B 36 4.09 -4.08 15.51
CA ARG B 36 5.19 -3.13 15.65
C ARG B 36 5.87 -2.74 14.34
N TRP B 37 5.42 -3.25 13.20
CA TRP B 37 6.13 -3.07 11.94
C TRP B 37 5.20 -2.58 10.83
N VAL B 38 5.67 -1.58 10.10
CA VAL B 38 4.94 -0.96 9.00
C VAL B 38 5.84 -1.03 7.78
N LEU B 39 5.24 -1.39 6.64
CA LEU B 39 5.92 -1.51 5.36
C LEU B 39 5.53 -0.35 4.46
N THR B 40 6.52 0.21 3.75
CA THR B 40 6.27 1.29 2.81
C THR B 40 7.31 1.23 1.69
N ALA B 41 7.26 2.22 0.80
CA ALA B 41 8.25 2.36 -0.25
C ALA B 41 9.43 3.20 0.27
N ALA B 42 10.64 2.78 -0.10
CA ALA B 42 11.83 3.54 0.27
C ALA B 42 11.76 4.98 -0.21
N HIS B 43 11.21 5.21 -1.41
CA HIS B 43 11.22 6.57 -1.95
C HIS B 43 10.33 7.52 -1.15
N CYS B 44 9.39 6.98 -0.35
CA CYS B 44 8.61 7.81 0.56
C CYS B 44 9.45 8.44 1.65
N LEU B 45 10.62 7.86 1.95
CA LEU B 45 11.50 8.35 3.01
C LEU B 45 12.79 8.93 2.47
N LEU B 46 13.32 8.39 1.37
CA LEU B 46 14.64 8.75 0.88
C LEU B 46 14.56 8.91 -0.63
N TYR B 47 14.75 10.13 -1.11
CA TYR B 47 14.79 10.41 -2.55
C TYR B 47 15.63 11.65 -2.76
N PRO B 48 16.95 11.50 -2.83
CA PRO B 48 17.87 12.65 -2.91
C PRO B 48 17.63 13.58 -4.09
N PRO B 49 17.14 13.09 -5.24
CA PRO B 49 16.89 14.04 -6.34
C PRO B 49 15.91 15.14 -5.97
N TRP B 50 15.01 14.90 -5.00
CA TRP B 50 14.05 15.88 -4.52
C TRP B 50 14.40 16.39 -3.13
N ASP B 51 15.65 16.18 -2.69
CA ASP B 51 16.11 16.60 -1.37
C ASP B 51 15.26 15.99 -0.26
N LYS B 52 14.80 14.76 -0.45
CA LYS B 52 13.98 14.06 0.53
C LYS B 52 14.84 13.07 1.31
N ASN B 53 14.89 13.24 2.62
CA ASN B 53 15.62 12.33 3.51
C ASN B 53 15.01 12.46 4.90
N PHE B 54 13.86 11.84 5.10
CA PHE B 54 13.16 11.97 6.36
C PHE B 54 13.80 11.10 7.43
N THR B 55 13.87 11.63 8.64
CA THR B 55 14.33 10.87 9.81
C THR B 55 13.12 10.46 10.64
N GLU B 56 13.38 9.58 11.61
CA GLU B 56 12.28 9.07 12.43
C GLU B 56 11.45 10.20 13.05
N ASN B 57 12.11 11.24 13.55
CA ASN B 57 11.39 12.25 14.31
C ASN B 57 10.59 13.20 13.41
N ASP B 58 10.75 13.11 12.10
CA ASP B 58 9.99 13.95 11.20
C ASP B 58 8.57 13.46 10.97
N LEU B 59 8.26 12.21 11.35
CA LEU B 59 7.12 11.51 10.80
C LEU B 59 6.28 10.87 11.91
N LEU B 60 5.01 10.66 11.58
CA LEU B 60 4.10 9.82 12.36
C LEU B 60 3.42 8.83 11.43
N VAL B 61 2.93 7.75 11.99
CA VAL B 61 2.04 6.86 11.23
C VAL B 61 0.67 6.90 11.87
N ARG B 62 -0.35 6.93 11.05
CA ARG B 62 -1.73 6.97 11.50
C ARG B 62 -2.41 5.72 10.97
N ILE B 63 -2.95 4.92 11.88
CA ILE B 63 -3.46 3.58 11.59
C ILE B 63 -4.94 3.54 11.95
N GLY B 64 -5.72 2.80 11.17
CA GLY B 64 -7.14 2.68 11.39
C GLY B 64 -7.98 3.76 10.75
N LYS B 65 -7.43 4.52 9.81
CA LYS B 65 -8.11 5.69 9.28
C LYS B 65 -9.05 5.34 8.14
N HIS B 66 -10.04 6.23 7.96
CA HIS B 66 -10.95 6.20 6.83
C HIS B 66 -10.96 7.59 6.19
N SER B 67 -11.39 8.60 6.94
CA SER B 67 -11.30 9.97 6.46
C SER B 67 -9.85 10.37 6.22
N ARG B 68 -9.62 11.09 5.11
CA ARG B 68 -8.28 11.60 4.81
C ARG B 68 -7.83 12.65 5.82
N THR B 69 -8.66 13.67 6.08
CA THR B 69 -8.19 14.85 6.78
C THR B 69 -8.63 14.94 8.23
N ARG B 70 -9.68 14.21 8.63
N ARG B 70 -9.66 14.20 8.64
CA ARG B 70 -10.20 14.30 9.98
CA ARG B 70 -10.18 14.37 9.98
C ARG B 70 -9.31 13.55 10.96
C ARG B 70 -9.41 13.51 10.98
N TYR B 71 -9.31 14.03 12.21
CA TYR B 71 -8.74 13.27 13.31
C TYR B 71 -9.85 12.35 13.83
N GLU B 72 -9.69 11.04 13.63
CA GLU B 72 -10.79 10.10 13.83
C GLU B 72 -10.71 9.59 15.26
N ARG B 73 -11.19 10.43 16.15
CA ARG B 73 -11.15 10.18 17.57
C ARG B 73 -11.80 8.85 17.91
N ASN B 74 -11.13 8.09 18.79
CA ASN B 74 -11.57 6.79 19.29
C ASN B 74 -11.46 5.67 18.25
N ILE B 75 -10.88 5.94 17.08
CA ILE B 75 -10.82 4.97 15.99
C ILE B 75 -9.37 4.84 15.52
N GLU B 76 -8.82 5.93 14.99
CA GLU B 76 -7.45 5.86 14.54
C GLU B 76 -6.50 5.86 15.72
N LYS B 77 -5.31 5.33 15.48
CA LYS B 77 -4.22 5.38 16.44
C LYS B 77 -2.99 5.95 15.75
N ILE B 78 -2.27 6.80 16.47
CA ILE B 78 -1.12 7.52 15.95
C ILE B 78 0.12 7.02 16.67
N SER B 79 1.10 6.57 15.91
CA SER B 79 2.32 5.97 16.45
C SER B 79 3.55 6.76 16.01
N MET B 80 4.52 6.84 16.92
CA MET B 80 5.83 7.39 16.61
C MET B 80 6.75 6.27 16.12
N LEU B 81 7.79 6.67 15.38
CA LEU B 81 8.72 5.73 14.79
C LEU B 81 9.94 5.55 15.70
N GLU B 82 10.30 4.29 15.94
CA GLU B 82 11.56 3.98 16.60
C GLU B 82 12.71 3.97 15.61
N LYS B 83 12.53 3.32 14.46
CA LYS B 83 13.64 3.21 13.51
C LYS B 83 13.13 2.95 12.10
N ILE B 84 13.80 3.56 11.12
CA ILE B 84 13.58 3.33 9.70
C ILE B 84 14.68 2.44 9.17
N TYR B 85 14.31 1.48 8.30
CA TYR B 85 15.24 0.60 7.61
C TYR B 85 14.94 0.65 6.12
N ILE B 86 15.90 1.12 5.34
CA ILE B 86 15.80 1.21 3.89
C ILE B 86 16.57 0.03 3.31
N HIS B 87 16.04 -0.59 2.25
CA HIS B 87 16.78 -1.66 1.63
C HIS B 87 18.16 -1.17 1.21
N PRO B 88 19.24 -1.90 1.52
CA PRO B 88 20.59 -1.38 1.24
C PRO B 88 20.90 -1.25 -0.23
N ARG B 89 20.13 -1.91 -1.10
CA ARG B 89 20.34 -1.81 -2.53
C ARG B 89 19.19 -1.09 -3.23
N TYR B 90 18.39 -0.36 -2.49
CA TYR B 90 17.42 0.56 -3.09
C TYR B 90 18.14 1.50 -4.06
N ASN B 91 17.68 1.49 -5.30
CA ASN B 91 18.32 2.25 -6.38
C ASN B 91 17.53 3.51 -6.66
N TRP B 92 17.80 4.54 -5.87
CA TRP B 92 17.18 5.83 -6.12
C TRP B 92 17.82 6.57 -7.28
N ARG B 93 19.01 6.15 -7.71
N ARG B 93 19.01 6.15 -7.71
CA ARG B 93 19.71 6.90 -8.75
CA ARG B 93 19.73 6.88 -8.74
C ARG B 93 19.09 6.67 -10.12
C ARG B 93 19.14 6.64 -10.13
N GLU B 94 18.55 5.46 -10.37
CA GLU B 94 18.13 5.09 -11.71
C GLU B 94 16.63 4.84 -11.81
N ASN B 95 16.12 3.74 -11.26
CA ASN B 95 14.81 3.24 -11.61
C ASN B 95 13.97 2.83 -10.41
N LEU B 96 14.39 3.18 -9.19
CA LEU B 96 13.69 2.78 -7.96
C LEU B 96 13.67 1.27 -7.76
N ASP B 97 14.67 0.56 -8.26
CA ASP B 97 14.77 -0.86 -7.98
C ASP B 97 14.86 -1.09 -6.46
N ARG B 98 14.14 -2.11 -5.98
CA ARG B 98 14.13 -2.49 -4.57
C ARG B 98 13.56 -1.37 -3.69
N ASP B 99 12.40 -0.86 -4.10
CA ASP B 99 11.77 0.31 -3.48
C ASP B 99 10.96 -0.17 -2.28
N ILE B 100 11.66 -0.38 -1.16
CA ILE B 100 11.05 -1.00 0.02
C ILE B 100 11.74 -0.48 1.26
N ALA B 101 10.94 -0.24 2.31
CA ALA B 101 11.44 0.20 3.60
C ALA B 101 10.52 -0.33 4.69
N LEU B 102 11.10 -0.53 5.85
CA LEU B 102 10.37 -0.91 7.05
C LEU B 102 10.51 0.17 8.11
N MET B 103 9.45 0.34 8.89
CA MET B 103 9.43 1.27 10.02
C MET B 103 9.01 0.49 11.26
N LYS B 104 9.84 0.52 12.29
CA LYS B 104 9.50 -0.08 13.57
C LYS B 104 8.87 0.98 14.46
N LEU B 105 7.73 0.65 15.04
CA LEU B 105 7.04 1.61 15.90
C LEU B 105 7.63 1.63 17.30
N LYS B 106 7.53 2.79 17.95
CA LYS B 106 8.06 2.88 19.31
C LYS B 106 7.30 1.97 20.28
N LYS B 107 6.01 1.79 20.09
CA LYS B 107 5.20 0.94 20.94
C LYS B 107 4.25 0.15 20.06
N PRO B 108 3.87 -1.07 20.46
CA PRO B 108 2.92 -1.83 19.65
C PRO B 108 1.56 -1.15 19.60
N VAL B 109 0.89 -1.29 18.46
CA VAL B 109 -0.46 -0.75 18.27
C VAL B 109 -1.46 -1.83 18.65
N ALA B 110 -2.55 -1.42 19.29
CA ALA B 110 -3.62 -2.35 19.62
C ALA B 110 -4.48 -2.63 18.40
N PHE B 111 -4.69 -3.91 18.10
CA PHE B 111 -5.58 -4.26 17.00
C PHE B 111 -7.04 -4.00 17.41
N SER B 112 -7.89 -3.81 16.40
CA SER B 112 -9.30 -3.45 16.60
C SER B 112 -10.06 -3.83 15.34
N ASP B 113 -11.35 -3.50 15.28
CA ASP B 113 -12.11 -3.72 14.06
C ASP B 113 -11.52 -2.97 12.87
N TYR B 114 -10.76 -1.90 13.14
CA TYR B 114 -10.25 -0.98 12.13
C TYR B 114 -8.75 -1.12 11.89
N ILE B 115 -8.07 -1.90 12.71
CA ILE B 115 -6.62 -2.02 12.73
C ILE B 115 -6.28 -3.50 12.78
N HIS B 116 -5.68 -4.01 11.72
CA HIS B 116 -5.37 -5.43 11.64
C HIS B 116 -4.30 -5.66 10.58
N PRO B 117 -3.34 -6.56 10.79
CA PRO B 117 -2.24 -6.71 9.82
C PRO B 117 -2.60 -7.57 8.62
N VAL B 118 -1.93 -7.25 7.51
CA VAL B 118 -2.00 -8.02 6.28
C VAL B 118 -0.94 -9.10 6.31
N CYS B 119 -1.15 -10.19 5.57
CA CYS B 119 -0.13 -11.21 5.43
C CYS B 119 0.89 -10.86 4.36
N LEU B 120 2.12 -11.34 4.56
CA LEU B 120 3.09 -11.30 3.49
C LEU B 120 3.15 -12.64 2.79
N PRO B 121 3.34 -12.64 1.47
CA PRO B 121 3.25 -13.90 0.71
C PRO B 121 4.42 -14.84 0.94
N ASP B 122 4.10 -16.12 0.95
CA ASP B 122 5.05 -17.19 0.79
C ASP B 122 5.30 -17.42 -0.70
N ARG B 123 6.33 -18.23 -1.00
CA ARG B 123 6.71 -18.49 -2.38
C ARG B 123 5.55 -19.06 -3.19
N GLU B 124 4.78 -19.98 -2.59
CA GLU B 124 3.73 -20.66 -3.33
C GLU B 124 2.55 -19.73 -3.61
N THR B 125 2.17 -18.91 -2.64
CA THR B 125 1.09 -17.96 -2.91
C THR B 125 1.52 -16.95 -3.98
N ALA B 126 2.76 -16.50 -3.91
CA ALA B 126 3.25 -15.58 -4.94
C ALA B 126 3.24 -16.24 -6.30
N ALA B 127 3.73 -17.47 -6.38
CA ALA B 127 3.78 -18.15 -7.68
C ALA B 127 2.38 -18.35 -8.23
N SER B 128 1.43 -18.68 -7.35
CA SER B 128 0.07 -18.96 -7.80
C SER B 128 -0.67 -17.69 -8.23
N LEU B 129 -0.46 -16.59 -7.52
CA LEU B 129 -1.31 -15.42 -7.71
C LEU B 129 -0.71 -14.34 -8.60
N LEU B 130 0.62 -14.26 -8.73
CA LEU B 130 1.23 -13.19 -9.52
C LEU B 130 1.28 -13.57 -10.99
N GLN B 131 0.11 -13.54 -11.61
CA GLN B 131 -0.08 -13.97 -12.99
C GLN B 131 -0.81 -12.89 -13.75
N ALA B 132 -0.42 -12.69 -15.02
CA ALA B 132 -1.07 -11.68 -15.84
C ALA B 132 -2.57 -11.94 -15.88
N GLY B 133 -3.36 -10.87 -15.70
CA GLY B 133 -4.80 -10.96 -15.70
C GLY B 133 -5.40 -11.08 -14.32
N TYR B 134 -4.67 -11.63 -13.37
CA TYR B 134 -5.18 -11.72 -12.01
C TYR B 134 -5.20 -10.33 -11.39
N LYS B 135 -6.27 -10.03 -10.66
CA LYS B 135 -6.47 -8.70 -10.13
C LYS B 135 -6.04 -8.60 -8.68
N GLY B 136 -5.42 -7.48 -8.34
CA GLY B 136 -5.21 -7.06 -6.98
C GLY B 136 -5.93 -5.76 -6.71
N ARG B 137 -5.73 -5.27 -5.50
CA ARG B 137 -6.45 -4.11 -5.00
C ARG B 137 -5.46 -3.11 -4.45
N VAL B 138 -5.64 -1.86 -4.85
CA VAL B 138 -4.82 -0.75 -4.39
C VAL B 138 -5.70 0.22 -3.63
N THR B 139 -5.17 0.75 -2.52
CA THR B 139 -5.92 1.67 -1.68
C THR B 139 -5.03 2.85 -1.30
N GLY B 140 -5.66 4.01 -1.11
CA GLY B 140 -4.89 5.16 -0.66
C GLY B 140 -5.72 6.42 -0.64
N TRP B 141 -5.09 7.47 -0.10
CA TRP B 141 -5.68 8.80 0.00
C TRP B 141 -5.08 9.79 -0.99
N GLY B 142 -4.39 9.29 -2.01
CA GLY B 142 -3.76 10.16 -2.99
C GLY B 142 -4.75 10.81 -3.92
N ASN B 143 -4.20 11.60 -4.84
CA ASN B 143 -5.04 12.42 -5.69
C ASN B 143 -5.95 11.59 -6.59
N LEU B 144 -7.09 12.18 -6.93
CA LEU B 144 -8.10 11.52 -7.75
C LEU B 144 -7.83 11.66 -9.24
N LYS B 145 -6.88 12.51 -9.64
CA LYS B 145 -6.53 12.64 -11.05
C LYS B 145 -5.13 13.25 -11.12
N GLU B 146 -4.49 13.04 -12.27
CA GLU B 146 -3.11 13.49 -12.43
C GLU B 146 -3.04 15.01 -12.36
N THR B 147 -3.97 15.70 -13.02
CA THR B 147 -3.96 17.14 -13.10
C THR B 147 -5.34 17.67 -12.75
N GLY B 155 -10.08 17.15 -6.54
CA GLY B 155 -8.73 16.63 -6.70
C GLY B 155 -8.31 15.64 -5.63
N GLN B 156 -8.77 15.83 -4.41
CA GLN B 156 -8.34 14.98 -3.30
C GLN B 156 -9.56 14.39 -2.60
N PRO B 157 -9.45 13.15 -2.12
CA PRO B 157 -10.65 12.45 -1.62
C PRO B 157 -11.00 12.76 -0.18
N SER B 158 -12.30 12.69 0.11
CA SER B 158 -12.76 12.78 1.49
C SER B 158 -12.35 11.57 2.31
N VAL B 159 -12.44 10.37 1.73
CA VAL B 159 -12.15 9.12 2.44
C VAL B 159 -11.25 8.24 1.59
N LEU B 160 -10.69 7.22 2.25
CA LEU B 160 -9.85 6.22 1.58
C LEU B 160 -10.52 5.69 0.32
N GLN B 161 -9.74 5.60 -0.76
CA GLN B 161 -10.20 5.13 -2.05
C GLN B 161 -9.65 3.74 -2.34
N VAL B 162 -10.39 2.99 -3.17
N VAL B 162 -10.39 2.97 -3.16
CA VAL B 162 -10.06 1.62 -3.53
CA VAL B 162 -10.03 1.60 -3.50
C VAL B 162 -10.21 1.46 -5.03
C VAL B 162 -10.26 1.37 -4.99
N VAL B 163 -9.34 0.65 -5.63
CA VAL B 163 -9.48 0.25 -7.03
C VAL B 163 -8.88 -1.13 -7.22
N ASN B 164 -9.54 -1.95 -8.04
CA ASN B 164 -9.03 -3.28 -8.35
C ASN B 164 -8.43 -3.22 -9.75
N LEU B 165 -7.22 -3.76 -9.91
CA LEU B 165 -6.47 -3.66 -11.17
C LEU B 165 -5.79 -4.97 -11.54
N PRO B 166 -5.77 -5.33 -12.83
CA PRO B 166 -5.13 -6.59 -13.24
C PRO B 166 -3.63 -6.45 -13.38
N ILE B 167 -2.91 -7.50 -12.97
CA ILE B 167 -1.49 -7.62 -13.26
C ILE B 167 -1.30 -7.73 -14.77
N VAL B 168 -0.24 -7.12 -15.27
CA VAL B 168 0.02 -7.03 -16.70
C VAL B 168 1.22 -7.88 -17.06
N GLU B 169 1.16 -8.46 -18.26
CA GLU B 169 2.25 -9.26 -18.79
C GLU B 169 3.56 -8.47 -18.81
N ARG B 170 4.66 -9.12 -18.42
CA ARG B 170 5.93 -8.40 -18.31
C ARG B 170 6.38 -7.74 -19.60
N PRO B 171 6.22 -8.34 -20.78
CA PRO B 171 6.61 -7.63 -22.02
C PRO B 171 5.81 -6.36 -22.25
N VAL B 172 4.53 -6.36 -21.90
CA VAL B 172 3.72 -5.16 -22.05
C VAL B 172 4.18 -4.09 -21.07
N CYS B 173 4.47 -4.48 -19.83
CA CYS B 173 5.06 -3.53 -18.88
C CYS B 173 6.32 -2.88 -19.44
N LYS B 174 7.25 -3.70 -19.92
CA LYS B 174 8.51 -3.17 -20.43
C LYS B 174 8.31 -2.27 -21.63
N ASP B 175 7.40 -2.67 -22.54
CA ASP B 175 7.19 -1.93 -23.78
C ASP B 175 6.40 -0.63 -23.58
N SER B 176 5.92 -0.38 -22.36
CA SER B 176 5.16 0.84 -22.06
C SER B 176 6.04 2.01 -21.63
N THR B 177 7.34 1.80 -21.41
CA THR B 177 8.17 2.78 -20.75
C THR B 177 9.59 2.68 -21.29
N ARG B 178 10.34 3.77 -21.11
CA ARG B 178 11.77 3.76 -21.37
C ARG B 178 12.60 3.38 -20.16
N ILE B 179 11.99 3.32 -18.97
CA ILE B 179 12.71 2.94 -17.77
C ILE B 179 13.05 1.47 -17.81
N ARG B 180 14.22 1.13 -17.27
CA ARG B 180 14.64 -0.27 -17.15
C ARG B 180 13.83 -0.95 -16.03
N ILE B 181 13.05 -1.95 -16.40
CA ILE B 181 12.23 -2.71 -15.45
C ILE B 181 13.03 -3.90 -14.95
N THR B 182 12.93 -4.19 -13.66
CA THR B 182 13.65 -5.31 -13.05
C THR B 182 12.68 -6.36 -12.54
N ASP B 183 13.26 -7.51 -12.16
CA ASP B 183 12.50 -8.59 -11.54
C ASP B 183 11.90 -8.20 -10.19
N ASN B 184 12.34 -7.09 -9.59
CA ASN B 184 11.82 -6.63 -8.32
C ASN B 184 10.63 -5.71 -8.48
N MET B 185 10.08 -5.64 -9.69
CA MET B 185 8.93 -4.82 -10.02
C MET B 185 7.92 -5.67 -10.79
N PHE B 186 6.64 -5.32 -10.64
CA PHE B 186 5.62 -5.77 -11.57
C PHE B 186 4.73 -4.57 -11.88
N CYS B 187 3.95 -4.68 -12.96
CA CYS B 187 3.04 -3.59 -13.27
C CYS B 187 1.59 -4.08 -13.37
N ALA B 188 0.68 -3.12 -13.18
CA ALA B 188 -0.74 -3.43 -13.15
C ALA B 188 -1.53 -2.25 -13.71
N GLY B 189 -2.71 -2.58 -14.22
CA GLY B 189 -3.60 -1.63 -14.82
C GLY B 189 -4.27 -2.18 -16.05
N TYR B 190 -5.30 -1.50 -16.52
CA TYR B 190 -6.01 -1.92 -17.71
C TYR B 190 -5.32 -1.39 -18.96
N LYS B 191 -5.47 -2.14 -20.04
CA LYS B 191 -4.95 -1.72 -21.34
C LYS B 191 -5.93 -0.75 -21.98
N PRO B 192 -5.47 0.05 -22.93
CA PRO B 192 -6.39 1.01 -23.59
C PRO B 192 -7.63 0.35 -24.15
N ASP B 193 -7.51 -0.85 -24.71
CA ASP B 193 -8.63 -1.53 -25.35
C ASP B 193 -9.56 -2.23 -24.35
N GLU B 194 -9.24 -2.25 -23.06
CA GLU B 194 -10.03 -3.00 -22.10
C GLU B 194 -11.25 -2.22 -21.58
N GLY B 195 -11.35 -0.92 -21.83
N GLY B 195 -11.35 -0.94 -21.92
CA GLY B 195 -12.59 -0.23 -21.49
CA GLY B 195 -12.45 -0.10 -21.48
C GLY B 195 -12.90 -0.04 -20.01
C GLY B 195 -12.28 0.46 -20.09
N LYS B 196 -11.98 -0.40 -19.13
CA LYS B 196 -11.98 0.02 -17.74
C LYS B 196 -10.69 0.77 -17.46
N ARG B 197 -10.67 1.54 -16.38
CA ARG B 197 -9.55 2.41 -16.07
C ARG B 197 -9.22 2.32 -14.59
N GLY B 198 -8.23 3.09 -14.16
CA GLY B 198 -7.88 3.14 -12.76
C GLY B 198 -6.38 3.08 -12.56
N ASP B 199 -5.91 3.74 -11.50
CA ASP B 199 -4.49 3.77 -11.21
C ASP B 199 -4.31 4.36 -9.81
N ALA B 200 -3.12 4.13 -9.25
CA ALA B 200 -2.67 4.95 -8.15
C ALA B 200 -2.29 6.34 -8.65
N CYS B 201 -2.15 7.28 -7.72
CA CYS B 201 -1.70 8.62 -8.08
C CYS B 201 -0.95 9.23 -6.90
N GLU B 202 -0.60 10.52 -7.01
CA GLU B 202 0.26 11.18 -6.04
C GLU B 202 -0.31 11.13 -4.65
N GLY B 203 0.49 10.61 -3.71
CA GLY B 203 0.07 10.37 -2.34
C GLY B 203 -0.30 8.92 -2.02
N ASP B 204 -0.50 8.09 -3.04
CA ASP B 204 -0.78 6.68 -2.83
C ASP B 204 0.48 5.83 -2.70
N SER B 205 1.62 6.33 -3.18
CA SER B 205 2.82 5.50 -3.18
C SER B 205 3.20 5.12 -1.75
N GLY B 206 3.81 3.95 -1.65
CA GLY B 206 4.10 3.31 -0.39
C GLY B 206 3.00 2.43 0.15
N GLY B 207 1.76 2.60 -0.35
CA GLY B 207 0.65 1.78 0.08
C GLY B 207 0.63 0.42 -0.57
N PRO B 208 -0.35 -0.38 -0.19
CA PRO B 208 -0.32 -1.81 -0.56
C PRO B 208 -1.12 -2.15 -1.82
N PHE B 209 -0.60 -3.14 -2.56
CA PHE B 209 -1.32 -3.88 -3.60
C PHE B 209 -1.55 -5.25 -2.99
N VAL B 210 -2.83 -5.57 -2.75
CA VAL B 210 -3.20 -6.80 -2.05
C VAL B 210 -4.01 -7.72 -2.95
N MET B 211 -3.93 -9.02 -2.65
CA MET B 211 -4.73 -10.03 -3.31
C MET B 211 -5.31 -10.94 -2.25
N LYS B 212 -6.52 -11.44 -2.49
CA LYS B 212 -7.20 -12.33 -1.55
C LYS B 212 -6.99 -13.76 -2.03
N SER B 213 -6.24 -14.55 -1.26
CA SER B 213 -5.96 -15.91 -1.69
C SER B 213 -7.25 -16.71 -1.76
N PRO B 214 -7.52 -17.38 -2.90
CA PRO B 214 -8.71 -18.25 -2.95
C PRO B 214 -8.49 -19.59 -2.28
N PHE B 215 -7.27 -19.86 -1.84
CA PHE B 215 -6.95 -21.11 -1.15
C PHE B 215 -7.28 -21.04 0.34
N ASN B 216 -6.96 -19.92 1.00
CA ASN B 216 -7.19 -19.81 2.43
C ASN B 216 -7.96 -18.58 2.85
N ASN B 217 -8.46 -17.79 1.90
CA ASN B 217 -9.32 -16.64 2.15
C ASN B 217 -8.66 -15.53 2.93
N ARG B 218 -7.33 -15.45 2.91
CA ARG B 218 -6.58 -14.40 3.56
C ARG B 218 -6.06 -13.39 2.53
N TRP B 219 -5.97 -12.14 2.97
CA TRP B 219 -5.35 -11.08 2.17
C TRP B 219 -3.85 -11.05 2.34
N TYR B 220 -3.16 -10.99 1.19
CA TYR B 220 -1.72 -10.93 1.09
C TYR B 220 -1.30 -9.65 0.38
N GLN B 221 -0.22 -9.05 0.88
CA GLN B 221 0.36 -7.88 0.21
C GLN B 221 1.40 -8.34 -0.78
N MET B 222 1.05 -8.27 -2.06
CA MET B 222 1.96 -8.71 -3.10
C MET B 222 2.84 -7.58 -3.61
N GLY B 223 2.38 -6.34 -3.49
CA GLY B 223 3.13 -5.21 -4.03
C GLY B 223 3.07 -4.02 -3.11
N ILE B 224 3.98 -3.08 -3.40
CA ILE B 224 3.99 -1.75 -2.80
C ILE B 224 3.87 -0.75 -3.95
N VAL B 225 2.95 0.20 -3.83
CA VAL B 225 2.82 1.24 -4.85
C VAL B 225 4.15 1.97 -4.96
N SER B 226 4.79 1.87 -6.15
CA SER B 226 6.16 2.36 -6.31
C SER B 226 6.26 3.57 -7.24
N TRP B 227 5.93 3.43 -8.51
CA TRP B 227 6.11 4.55 -9.43
C TRP B 227 5.21 4.43 -10.64
N GLY B 228 5.00 5.56 -11.31
CA GLY B 228 4.28 5.59 -12.55
C GLY B 228 4.64 6.87 -13.29
N GLU B 229 4.31 6.89 -14.58
CA GLU B 229 4.51 8.08 -15.41
C GLU B 229 3.14 8.71 -15.59
N GLY B 230 2.88 9.73 -14.81
CA GLY B 230 1.55 10.29 -14.74
C GLY B 230 0.65 9.39 -13.90
N CYS B 231 -0.65 9.56 -14.06
CA CYS B 231 -1.64 8.72 -13.41
C CYS B 231 -2.74 8.38 -14.39
N ASP B 232 -3.07 7.08 -14.50
CA ASP B 232 -4.17 6.62 -15.33
C ASP B 232 -4.05 7.05 -16.78
N ARG B 233 -2.83 7.12 -17.31
CA ARG B 233 -2.66 7.43 -18.72
C ARG B 233 -2.86 6.18 -19.58
N ASP B 234 -3.50 6.36 -20.73
CA ASP B 234 -3.65 5.24 -21.66
C ASP B 234 -2.27 4.74 -22.09
N GLY B 235 -2.10 3.42 -22.05
CA GLY B 235 -0.86 2.80 -22.46
C GLY B 235 0.24 2.84 -21.44
N LYS B 236 0.00 3.44 -20.28
CA LYS B 236 0.93 3.42 -19.16
C LYS B 236 0.34 2.53 -18.08
N TYR B 237 1.21 2.09 -17.18
CA TYR B 237 0.85 1.18 -16.11
C TYR B 237 1.52 1.63 -14.82
N GLY B 238 0.88 1.32 -13.70
CA GLY B 238 1.52 1.53 -12.43
C GLY B 238 2.52 0.41 -12.14
N PHE B 239 3.63 0.78 -11.50
CA PHE B 239 4.68 -0.17 -11.12
C PHE B 239 4.74 -0.33 -9.61
N TYR B 240 4.93 -1.58 -9.19
CA TYR B 240 4.82 -2.03 -7.82
C TYR B 240 6.05 -2.84 -7.42
N THR B 241 6.53 -2.57 -6.22
CA THR B 241 7.61 -3.38 -5.66
C THR B 241 7.12 -4.80 -5.45
N HIS B 242 7.90 -5.78 -5.90
CA HIS B 242 7.56 -7.20 -5.79
C HIS B 242 7.93 -7.66 -4.38
N VAL B 243 6.93 -7.70 -3.49
CA VAL B 243 7.20 -7.94 -2.07
C VAL B 243 7.88 -9.28 -1.85
N PHE B 244 7.35 -10.34 -2.47
CA PHE B 244 7.94 -11.64 -2.25
C PHE B 244 9.43 -11.69 -2.61
N ARG B 245 9.82 -11.07 -3.73
CA ARG B 245 11.21 -11.11 -4.13
C ARG B 245 12.13 -10.50 -3.08
N LEU B 246 11.62 -9.60 -2.25
CA LEU B 246 12.40 -8.91 -1.24
C LEU B 246 12.12 -9.41 0.17
N LYS B 247 11.41 -10.53 0.30
CA LYS B 247 10.98 -10.98 1.62
C LYS B 247 12.14 -11.46 2.49
N LYS B 248 13.22 -11.99 1.88
CA LYS B 248 14.36 -12.40 2.69
C LYS B 248 14.97 -11.21 3.43
N TRP B 249 14.99 -10.04 2.79
CA TRP B 249 15.46 -8.84 3.48
C TRP B 249 14.50 -8.42 4.58
N ILE B 250 13.19 -8.46 4.32
CA ILE B 250 12.20 -8.16 5.36
C ILE B 250 12.45 -9.05 6.57
N GLN B 251 12.55 -10.36 6.33
CA GLN B 251 12.73 -11.31 7.42
C GLN B 251 14.02 -11.04 8.18
N LYS B 252 15.10 -10.72 7.46
CA LYS B 252 16.37 -10.45 8.11
C LYS B 252 16.25 -9.25 9.05
N VAL B 253 15.60 -8.19 8.59
CA VAL B 253 15.44 -7.01 9.43
C VAL B 253 14.62 -7.33 10.67
N ILE B 254 13.48 -8.00 10.49
CA ILE B 254 12.62 -8.26 11.62
C ILE B 254 13.29 -9.23 12.60
N ASP B 255 14.04 -10.20 12.08
CA ASP B 255 14.75 -11.13 12.96
C ASP B 255 15.87 -10.44 13.73
N GLN B 256 16.63 -9.58 13.05
CA GLN B 256 17.77 -8.92 13.71
C GLN B 256 17.29 -7.85 14.68
N PHE B 257 16.26 -7.11 14.31
CA PHE B 257 15.82 -5.96 15.09
C PHE B 257 14.43 -6.18 15.64
N ASP C 2 -5.61 20.87 4.48
CA ASP C 2 -6.96 20.89 5.06
C ASP C 2 -7.09 19.85 6.19
N PHE C 3 -5.98 19.53 6.85
CA PHE C 3 -5.98 18.48 7.86
C PHE C 3 -6.39 19.03 9.22
N GLU C 4 -7.24 18.28 9.91
CA GLU C 4 -7.59 18.62 11.29
C GLU C 4 -6.39 18.42 12.20
N GLU C 5 -6.20 19.34 13.13
CA GLU C 5 -5.07 19.24 14.05
C GLU C 5 -5.16 17.94 14.84
N ILE C 6 -4.03 17.27 14.99
CA ILE C 6 -4.00 16.05 15.79
C ILE C 6 -3.66 16.42 17.24
N PRO C 7 -3.97 15.57 18.21
CA PRO C 7 -3.64 15.89 19.60
C PRO C 7 -2.16 16.22 19.80
N GLU C 8 -1.89 17.20 20.67
CA GLU C 8 -0.53 17.68 20.86
C GLU C 8 0.39 16.58 21.38
N GLU C 9 -0.14 15.62 22.12
CA GLU C 9 0.68 14.55 22.69
C GLU C 9 1.47 13.76 21.62
N TYS C 10 0.95 13.70 20.41
CA TYS C 10 1.67 12.96 19.38
CB TYS C 10 0.72 12.52 18.27
CG TYS C 10 -0.39 11.67 18.85
CD1 TYS C 10 -1.70 12.13 18.80
CD2 TYS C 10 -0.11 10.42 19.40
CE1 TYS C 10 -2.74 11.35 19.31
CE2 TYS C 10 -1.15 9.65 19.92
CZ TYS C 10 -2.46 10.13 19.88
OH TYS C 10 -3.50 9.40 20.38
S TYS C 10 -4.22 8.33 19.51
O1 TYS C 10 -5.28 7.82 20.35
O2 TYS C 10 -4.72 8.88 18.28
O3 TYS C 10 -3.14 7.17 19.26
C TYS C 10 2.76 13.78 18.74
O TYS C 10 3.54 13.24 17.93
H TYS C 10 0.21 14.05 20.20
HA TYS C 10 2.08 12.19 19.81
HB2 TYS C 10 1.20 12.02 17.61
HB3 TYS C 10 0.33 13.30 17.85
HD1 TYS C 10 -1.88 12.95 18.40
HD2 TYS C 10 0.76 10.11 19.44
HE1 TYS C 10 -3.61 11.66 19.27
HE2 TYS C 10 -0.96 8.82 20.31
HO3 TYS C 10 -3.39 6.40 19.01
N LEU C 11 2.83 15.07 19.07
CA LEU C 11 3.86 15.92 18.49
C LEU C 11 4.93 16.28 19.52
N GLN C 12 4.80 15.77 20.73
CA GLN C 12 5.70 16.13 21.82
C GLN C 12 6.89 15.18 21.86
NA NA D . -2.98 3.30 -17.84
NA NA E . 10.75 -0.23 -22.95
S DMS F . 4.14 -10.75 -12.89
O DMS F . 5.13 -9.72 -13.36
C1 DMS F . 3.22 -11.28 -14.39
C2 DMS F . 5.06 -12.30 -12.61
S DMS G . -1.16 -22.98 -2.80
O DMS G . -0.83 -21.53 -2.94
C1 DMS G . -2.30 -23.25 -1.42
C2 DMS G . -2.11 -23.57 -4.22
S DMS H . 11.15 6.34 -11.99
O DMS H . 11.05 4.87 -11.78
C1 DMS H . 9.70 7.25 -11.38
C2 DMS H . 12.47 7.05 -10.95
P PO4 I . 20.62 -2.17 -9.72
O1 PO4 I . 20.84 -1.68 -8.30
O2 PO4 I . 19.14 -1.85 -9.95
O3 PO4 I . 21.51 -1.38 -10.65
O4 PO4 I . 20.89 -3.65 -9.77
C1 NAG J . 20.14 10.67 4.73
C2 NAG J . 21.51 10.47 4.08
C3 NAG J . 22.49 9.87 5.07
C4 NAG J . 22.57 10.73 6.33
C5 NAG J . 21.18 10.90 6.92
C6 NAG J . 21.16 11.84 8.10
C7 NAG J . 21.61 10.08 1.65
C8 NAG J . 21.47 9.06 0.55
N2 NAG J . 21.41 9.63 2.90
O3 NAG J . 23.78 9.76 4.47
O4 NAG J . 23.44 10.14 7.29
O5 NAG J . 20.29 11.46 5.95
O6 NAG J . 19.90 12.47 8.25
O7 NAG J . 21.87 11.25 1.42
C2 8K2 K . 0.99 4.96 -10.23
CL 8K2 K . 1.98 2.69 -9.05
C3 8K2 K . 1.79 4.36 -9.31
C1 8K2 K . 1.10 6.36 -10.17
S1 8K2 K . 2.68 5.47 -8.35
C 8K2 K . 1.98 6.78 -9.22
S 8K2 K . 2.45 8.45 -8.93
O 8K2 K . 3.14 8.44 -7.67
O1 8K2 K . 1.27 9.24 -9.09
N 8K2 K . 3.48 8.85 -10.07
C1 GOL L . -1.89 -21.43 2.29
O1 GOL L . -2.53 -21.59 1.07
C2 GOL L . -0.41 -21.13 1.97
O2 GOL L . 0.35 -20.97 3.13
C3 GOL L . 0.03 -22.36 1.13
O3 GOL L . 1.02 -21.96 0.26
#